data_5TP3
#
_entry.id   5TP3
#
_cell.length_a   47.710
_cell.length_b   47.770
_cell.length_c   149.820
_cell.angle_alpha   90.000
_cell.angle_beta   90.000
_cell.angle_gamma   90.000
#
_symmetry.space_group_name_H-M   'P 21 21 21'
#
loop_
_entity.id
_entity.type
_entity.pdbx_description
1 polymer F-VHH-4
2 water water
#
_entity_poly.entity_id   1
_entity_poly.type   'polypeptide(L)'
_entity_poly.pdbx_seq_one_letter_code
;QVQLQESGGGLVQPGGSLRLSCAASGFTLDYYYIGWFRQAPGKEREAVSCISGSSGSTYYPDSVKGRFTISRDNAKNTVY
LQMNSLKPEDTAVYYCATIRSSSWGGCVHYGMDYWGKGTQVTVSS
;
_entity_poly.pdbx_strand_id   A,B
#
# COMPACT_ATOMS: atom_id res chain seq x y z
N GLN A 1 -1.31 6.62 8.10
CA GLN A 1 -0.45 5.55 7.59
C GLN A 1 -1.22 4.29 7.18
N VAL A 2 -1.99 3.69 8.08
CA VAL A 2 -2.67 2.43 7.77
C VAL A 2 -3.82 2.69 6.80
N GLN A 3 -3.74 2.05 5.63
CA GLN A 3 -4.77 2.21 4.61
C GLN A 3 -4.99 0.89 3.90
N LEU A 4 -6.20 0.74 3.34
CA LEU A 4 -6.57 -0.45 2.59
C LEU A 4 -7.21 -0.02 1.28
N GLN A 5 -6.93 -0.77 0.23
CA GLN A 5 -7.40 -0.41 -1.10
C GLN A 5 -7.84 -1.70 -1.77
N GLU A 6 -9.15 -1.85 -1.91
CA GLU A 6 -9.75 -3.01 -2.56
C GLU A 6 -9.82 -2.79 -4.06
N SER A 7 -9.69 -3.89 -4.80
CA SER A 7 -9.87 -3.83 -6.24
C SER A 7 -10.44 -5.15 -6.72
N GLY A 8 -10.93 -5.15 -7.96
CA GLY A 8 -11.42 -6.35 -8.60
C GLY A 8 -12.91 -6.41 -8.80
N GLY A 9 -13.66 -5.37 -8.46
CA GLY A 9 -15.10 -5.39 -8.69
C GLY A 9 -15.44 -5.21 -10.15
N GLY A 10 -16.59 -5.76 -10.53
CA GLY A 10 -17.06 -5.74 -11.89
C GLY A 10 -18.32 -6.57 -12.00
N LEU A 11 -18.84 -6.66 -13.22
CA LEU A 11 -20.07 -7.42 -13.47
C LEU A 11 -19.75 -8.89 -13.68
N VAL A 12 -20.38 -9.76 -12.91
CA VAL A 12 -20.14 -11.19 -13.02
C VAL A 12 -21.44 -11.87 -13.41
N GLN A 13 -21.33 -12.98 -14.12
CA GLN A 13 -22.60 -13.67 -14.31
C GLN A 13 -22.86 -14.63 -13.15
N PRO A 14 -24.14 -14.92 -12.87
CA PRO A 14 -24.44 -15.90 -11.82
C PRO A 14 -23.77 -17.23 -12.13
N GLY A 15 -23.32 -17.90 -11.07
CA GLY A 15 -22.51 -19.08 -11.21
C GLY A 15 -21.07 -18.81 -11.54
N GLY A 16 -20.72 -17.55 -11.84
CA GLY A 16 -19.35 -17.20 -12.15
C GLY A 16 -18.53 -16.92 -10.90
N SER A 17 -17.23 -16.77 -11.10
CA SER A 17 -16.29 -16.53 -10.00
C SER A 17 -15.55 -15.21 -10.20
N LEU A 18 -15.09 -14.64 -9.08
CA LEU A 18 -14.41 -13.37 -9.07
C LEU A 18 -13.50 -13.32 -7.85
N ARG A 19 -12.30 -12.78 -8.03
CA ARG A 19 -11.36 -12.61 -6.92
C ARG A 19 -11.13 -11.12 -6.67
N LEU A 20 -11.30 -10.70 -5.43
CA LEU A 20 -11.01 -9.35 -5.01
C LEU A 20 -9.68 -9.32 -4.29
N SER A 21 -8.97 -8.20 -4.43
CA SER A 21 -7.69 -7.97 -3.78
C SER A 21 -7.80 -6.78 -2.86
N CYS A 22 -7.05 -6.81 -1.76
CA CYS A 22 -7.01 -5.73 -0.80
C CYS A 22 -5.55 -5.43 -0.52
N ALA A 23 -5.05 -4.32 -1.05
CA ALA A 23 -3.67 -3.92 -0.87
C ALA A 23 -3.53 -3.14 0.44
N ALA A 24 -2.69 -3.64 1.33
CA ALA A 24 -2.39 -3.00 2.58
C ALA A 24 -1.19 -2.07 2.41
N SER A 25 -1.30 -0.86 2.94
CA SER A 25 -0.12 0.01 3.04
C SER A 25 -0.14 0.66 4.41
N GLY A 26 1.05 0.96 4.92
CA GLY A 26 1.17 1.45 6.28
C GLY A 26 1.31 0.37 7.33
N PHE A 27 1.21 -0.91 6.95
CA PHE A 27 1.39 -2.01 7.88
C PHE A 27 1.67 -3.27 7.09
N THR A 28 2.12 -4.31 7.81
CA THR A 28 2.34 -5.64 7.27
C THR A 28 1.31 -6.60 7.85
N LEU A 29 0.96 -7.63 7.07
CA LEU A 29 -0.16 -8.49 7.42
C LEU A 29 0.07 -9.21 8.74
N ASP A 30 1.33 -9.51 9.09
CA ASP A 30 1.65 -10.39 10.21
C ASP A 30 1.08 -9.95 11.55
N TYR A 31 0.94 -8.66 11.78
CA TYR A 31 0.54 -8.17 13.09
C TYR A 31 -0.96 -7.95 13.20
N TYR A 32 -1.74 -8.31 12.18
CA TYR A 32 -3.12 -7.87 12.06
C TYR A 32 -4.04 -9.03 11.69
N TYR A 33 -5.32 -8.77 11.86
CA TYR A 33 -6.39 -9.57 11.28
C TYR A 33 -7.06 -8.77 10.19
N ILE A 34 -7.29 -9.39 9.04
CA ILE A 34 -7.90 -8.76 7.88
C ILE A 34 -9.28 -9.34 7.65
N GLY A 35 -10.26 -8.49 7.44
CA GLY A 35 -11.62 -8.92 7.20
C GLY A 35 -12.18 -8.34 5.93
N TRP A 36 -13.08 -9.11 5.32
CA TRP A 36 -13.89 -8.68 4.19
C TRP A 36 -15.33 -8.51 4.65
N PHE A 37 -15.92 -7.38 4.32
CA PHE A 37 -17.31 -7.07 4.62
C PHE A 37 -18.02 -6.72 3.33
N ARG A 38 -19.34 -6.82 3.34
CA ARG A 38 -20.11 -6.45 2.16
C ARG A 38 -21.37 -5.73 2.58
N GLN A 39 -21.88 -4.87 1.69
CA GLN A 39 -23.16 -4.22 1.86
C GLN A 39 -23.96 -4.36 0.57
N ALA A 40 -25.00 -5.21 0.58
CA ALA A 40 -25.91 -5.25 -0.54
C ALA A 40 -26.87 -4.07 -0.48
N PRO A 41 -27.41 -3.66 -1.61
CA PRO A 41 -28.27 -2.47 -1.62
C PRO A 41 -29.38 -2.51 -0.59
N GLY A 42 -29.49 -1.44 0.19
CA GLY A 42 -30.51 -1.27 1.20
C GLY A 42 -30.28 -2.03 2.48
N LYS A 43 -29.30 -2.92 2.50
CA LYS A 43 -29.06 -3.87 3.58
C LYS A 43 -27.91 -3.38 4.47
N GLU A 44 -27.88 -3.90 5.69
CA GLU A 44 -26.83 -3.60 6.64
C GLU A 44 -25.53 -4.30 6.24
N ARG A 45 -24.40 -3.67 6.55
CA ARG A 45 -23.11 -4.24 6.18
C ARG A 45 -22.80 -5.43 7.06
N GLU A 46 -22.31 -6.50 6.45
CA GLU A 46 -22.15 -7.77 7.12
C GLU A 46 -20.79 -8.37 6.82
N ALA A 47 -20.24 -9.06 7.81
CA ALA A 47 -18.97 -9.75 7.65
C ALA A 47 -19.09 -10.91 6.67
N VAL A 48 -17.95 -11.26 6.05
CA VAL A 48 -17.95 -12.26 4.99
C VAL A 48 -16.77 -13.23 5.17
N SER A 49 -15.60 -12.71 5.56
CA SER A 49 -14.41 -13.54 5.69
C SER A 49 -13.36 -12.77 6.50
N CYS A 50 -12.80 -13.41 7.52
CA CYS A 50 -11.65 -12.88 8.24
C CYS A 50 -10.48 -13.85 8.12
N ILE A 51 -9.27 -13.30 8.18
CA ILE A 51 -8.06 -14.10 8.09
C ILE A 51 -7.04 -13.55 9.06
N SER A 52 -6.24 -14.44 9.63
CA SER A 52 -5.12 -14.03 10.46
C SER A 52 -3.91 -13.78 9.57
N GLY A 53 -3.29 -12.63 9.76
CA GLY A 53 -2.14 -12.28 8.95
C GLY A 53 -0.95 -13.20 9.17
N SER A 54 -0.69 -13.56 10.43
CA SER A 54 0.44 -14.43 10.72
C SER A 54 0.17 -15.86 10.29
N SER A 55 -0.83 -16.49 10.91
CA SER A 55 -1.03 -17.91 10.72
C SER A 55 -1.84 -18.27 9.50
N GLY A 56 -2.61 -17.32 8.95
CA GLY A 56 -3.46 -17.66 7.84
C GLY A 56 -4.74 -18.35 8.24
N SER A 57 -5.02 -18.46 9.53
CA SER A 57 -6.27 -19.04 10.00
C SER A 57 -7.45 -18.16 9.59
N THR A 58 -8.57 -18.79 9.25
CA THR A 58 -9.70 -18.11 8.63
C THR A 58 -11.01 -18.40 9.36
N TYR A 59 -11.97 -17.49 9.16
CA TYR A 59 -13.31 -17.56 9.75
C TYR A 59 -14.31 -17.21 8.68
N TYR A 60 -15.32 -18.07 8.50
CA TYR A 60 -16.34 -17.86 7.47
C TYR A 60 -17.72 -17.96 8.09
N PRO A 61 -18.57 -16.95 7.93
CA PRO A 61 -19.96 -17.06 8.37
C PRO A 61 -20.73 -18.05 7.52
N ASP A 62 -21.89 -18.43 8.05
CA ASP A 62 -22.67 -19.52 7.46
C ASP A 62 -23.12 -19.19 6.05
N SER A 63 -23.42 -17.93 5.76
CA SER A 63 -24.08 -17.55 4.51
C SER A 63 -23.19 -17.77 3.31
N VAL A 64 -21.88 -17.64 3.46
CA VAL A 64 -20.94 -17.79 2.36
C VAL A 64 -19.99 -18.96 2.54
N LYS A 65 -20.00 -19.60 3.70
CA LYS A 65 -19.07 -20.69 3.99
C LYS A 65 -19.17 -21.75 2.90
N GLY A 66 -18.03 -22.06 2.30
CA GLY A 66 -17.99 -23.00 1.20
C GLY A 66 -17.82 -22.32 -0.14
N ARG A 67 -18.53 -21.23 -0.36
CA ARG A 67 -18.46 -20.51 -1.63
C ARG A 67 -17.35 -19.47 -1.65
N PHE A 68 -17.13 -18.77 -0.53
CA PHE A 68 -16.13 -17.72 -0.45
C PHE A 68 -14.93 -18.23 0.33
N THR A 69 -13.73 -17.86 -0.12
CA THR A 69 -12.48 -18.19 0.57
C THR A 69 -11.57 -16.99 0.57
N ILE A 70 -10.89 -16.77 1.70
CA ILE A 70 -9.96 -15.66 1.86
C ILE A 70 -8.55 -16.22 1.99
N SER A 71 -7.59 -15.51 1.41
CA SER A 71 -6.19 -15.92 1.46
C SER A 71 -5.34 -14.67 1.56
N ARG A 72 -4.07 -14.85 1.95
CA ARG A 72 -3.16 -13.73 2.10
C ARG A 72 -1.78 -14.06 1.59
N ASP A 73 -1.11 -13.07 0.98
CA ASP A 73 0.25 -13.21 0.51
C ASP A 73 1.11 -12.22 1.29
N ASN A 74 1.87 -12.73 2.26
CA ASN A 74 2.69 -11.84 3.06
C ASN A 74 3.69 -11.10 2.20
N ALA A 75 4.25 -11.77 1.19
CA ALA A 75 5.27 -11.18 0.33
C ALA A 75 4.71 -9.99 -0.46
N LYS A 76 3.49 -10.10 -0.95
CA LYS A 76 2.84 -9.01 -1.68
C LYS A 76 2.03 -8.11 -0.76
N ASN A 77 1.96 -8.43 0.53
CA ASN A 77 1.24 -7.61 1.50
C ASN A 77 -0.22 -7.42 1.10
N THR A 78 -0.84 -8.47 0.58
CA THR A 78 -2.18 -8.40 -0.02
C THR A 78 -3.05 -9.56 0.44
N VAL A 79 -4.33 -9.26 0.66
CA VAL A 79 -5.34 -10.22 1.10
C VAL A 79 -6.36 -10.37 -0.02
N TYR A 80 -6.71 -11.62 -0.33
CA TYR A 80 -7.58 -11.96 -1.44
C TYR A 80 -8.84 -12.65 -0.95
N LEU A 81 -9.97 -12.34 -1.58
CA LEU A 81 -11.22 -13.03 -1.34
C LEU A 81 -11.66 -13.67 -2.65
N GLN A 82 -11.61 -15.00 -2.70
CA GLN A 82 -12.12 -15.72 -3.85
C GLN A 82 -13.60 -16.02 -3.63
N MET A 83 -14.42 -15.69 -4.63
CA MET A 83 -15.86 -15.91 -4.60
C MET A 83 -16.19 -16.91 -5.70
N ASN A 84 -16.79 -18.02 -5.33
CA ASN A 84 -17.17 -19.04 -6.30
C ASN A 84 -18.68 -19.16 -6.34
N SER A 85 -19.20 -19.58 -7.50
CA SER A 85 -20.63 -19.81 -7.67
C SER A 85 -21.44 -18.60 -7.20
N LEU A 86 -21.21 -17.47 -7.85
CA LEU A 86 -21.82 -16.22 -7.42
C LEU A 86 -23.31 -16.22 -7.70
N LYS A 87 -24.06 -15.64 -6.77
CA LYS A 87 -25.50 -15.53 -6.88
C LYS A 87 -25.89 -14.05 -6.91
N PRO A 88 -27.01 -13.71 -7.56
CA PRO A 88 -27.39 -12.30 -7.65
C PRO A 88 -27.49 -11.62 -6.30
N GLU A 89 -27.86 -12.37 -5.26
CA GLU A 89 -27.92 -11.86 -3.90
C GLU A 89 -26.55 -11.51 -3.35
N ASP A 90 -25.47 -11.90 -4.01
CA ASP A 90 -24.12 -11.51 -3.59
C ASP A 90 -23.75 -10.12 -4.07
N THR A 91 -24.62 -9.46 -4.84
CA THR A 91 -24.36 -8.09 -5.31
C THR A 91 -24.24 -7.15 -4.13
N ALA A 92 -23.11 -6.48 -4.04
CA ALA A 92 -22.81 -5.69 -2.87
C ALA A 92 -21.54 -4.90 -3.12
N VAL A 93 -21.31 -3.90 -2.29
CA VAL A 93 -19.99 -3.29 -2.20
C VAL A 93 -19.21 -4.06 -1.15
N TYR A 94 -18.03 -4.55 -1.53
CA TYR A 94 -17.21 -5.38 -0.66
C TYR A 94 -16.12 -4.52 -0.05
N TYR A 95 -16.07 -4.48 1.26
CA TYR A 95 -15.13 -3.64 2.00
C TYR A 95 -14.07 -4.49 2.68
N CYS A 96 -12.86 -3.98 2.64
CA CYS A 96 -11.74 -4.55 3.37
C CYS A 96 -11.57 -3.79 4.68
N ALA A 97 -11.27 -4.51 5.74
CA ALA A 97 -11.03 -3.88 7.03
C ALA A 97 -9.96 -4.64 7.77
N THR A 98 -9.35 -4.00 8.77
CA THR A 98 -8.30 -4.66 9.55
C THR A 98 -8.32 -4.17 11.00
N ILE A 99 -7.72 -4.97 11.86
CA ILE A 99 -7.48 -4.62 13.25
C ILE A 99 -6.19 -5.30 13.69
N ARG A 100 -5.42 -4.62 14.53
CA ARG A 100 -4.28 -5.27 15.14
C ARG A 100 -4.73 -6.53 15.88
N SER A 101 -3.99 -7.62 15.67
CA SER A 101 -4.32 -8.87 16.35
C SER A 101 -4.27 -8.74 17.86
N SER A 102 -3.49 -7.78 18.38
CA SER A 102 -3.48 -7.51 19.82
C SER A 102 -4.88 -7.12 20.30
N SER A 103 -5.67 -6.49 19.46
CA SER A 103 -7.02 -6.05 19.80
C SER A 103 -8.09 -6.92 19.15
N TRP A 104 -7.70 -8.00 18.48
CA TRP A 104 -8.64 -8.88 17.79
C TRP A 104 -9.73 -9.33 18.73
N GLY A 105 -10.98 -9.21 18.28
CA GLY A 105 -12.11 -9.54 19.10
C GLY A 105 -13.24 -10.18 18.32
N GLY A 106 -12.90 -10.86 17.24
CA GLY A 106 -13.89 -11.54 16.43
C GLY A 106 -14.14 -10.81 15.12
N CYS A 107 -14.79 -11.55 14.20
CA CYS A 107 -15.08 -11.06 12.85
C CYS A 107 -16.42 -10.33 12.83
N VAL A 108 -16.40 -9.12 13.39
CA VAL A 108 -17.59 -8.29 13.52
C VAL A 108 -17.25 -6.88 13.10
N HIS A 109 -18.24 -6.19 12.52
CA HIS A 109 -17.98 -4.87 11.95
C HIS A 109 -17.58 -3.86 13.01
N TYR A 110 -18.07 -4.02 14.23
CA TYR A 110 -17.68 -3.13 15.32
C TYR A 110 -16.30 -3.45 15.88
N GLY A 111 -15.66 -4.52 15.43
CA GLY A 111 -14.34 -4.86 15.90
C GLY A 111 -13.25 -4.60 14.87
N MET A 112 -13.47 -3.64 13.97
CA MET A 112 -12.49 -3.27 12.97
C MET A 112 -12.05 -1.83 13.18
N ASP A 113 -10.77 -1.56 12.91
CA ASP A 113 -10.19 -0.25 13.16
C ASP A 113 -9.90 0.56 11.91
N TYR A 114 -9.58 -0.07 10.78
CA TYR A 114 -9.33 0.64 9.55
C TYR A 114 -10.17 0.02 8.45
N TRP A 115 -10.68 0.85 7.55
CA TRP A 115 -11.61 0.40 6.52
C TRP A 115 -11.17 0.88 5.15
N GLY A 116 -11.26 -0.01 4.18
CA GLY A 116 -11.13 0.40 2.81
C GLY A 116 -12.38 1.10 2.34
N LYS A 117 -12.30 1.69 1.15
CA LYS A 117 -13.40 2.44 0.58
C LYS A 117 -14.37 1.59 -0.24
N GLY A 118 -14.03 0.33 -0.50
CA GLY A 118 -14.95 -0.61 -1.09
C GLY A 118 -14.73 -0.78 -2.59
N THR A 119 -15.31 -1.86 -3.12
CA THR A 119 -15.33 -2.10 -4.56
C THR A 119 -16.60 -2.86 -4.89
N GLN A 120 -17.30 -2.43 -5.94
CA GLN A 120 -18.64 -2.92 -6.22
C GLN A 120 -18.60 -4.18 -7.04
N VAL A 121 -19.38 -5.18 -6.61
CA VAL A 121 -19.57 -6.40 -7.37
C VAL A 121 -21.06 -6.50 -7.71
N THR A 122 -21.36 -6.79 -8.98
CA THR A 122 -22.73 -6.91 -9.46
C THR A 122 -22.88 -8.21 -10.24
N VAL A 123 -23.78 -9.08 -9.80
CA VAL A 123 -24.02 -10.35 -10.49
C VAL A 123 -25.29 -10.17 -11.31
N SER A 124 -25.13 -10.12 -12.63
CA SER A 124 -26.19 -9.72 -13.53
C SER A 124 -27.39 -10.67 -13.48
N SER A 125 -28.57 -10.14 -13.81
CA SER A 125 -29.81 -10.90 -13.83
C SER A 125 -30.81 -10.23 -14.75
N GLN B 1 -0.16 -4.53 -9.55
CA GLN B 1 0.07 -5.03 -8.20
C GLN B 1 0.94 -4.05 -7.41
N VAL B 2 2.14 -3.77 -7.92
CA VAL B 2 3.09 -2.89 -7.25
C VAL B 2 2.67 -1.43 -7.43
N GLN B 3 2.51 -0.71 -6.33
CA GLN B 3 2.18 0.70 -6.36
C GLN B 3 2.96 1.43 -5.28
N LEU B 4 3.16 2.72 -5.50
CA LEU B 4 3.88 3.57 -4.59
C LEU B 4 3.04 4.81 -4.35
N GLN B 5 3.13 5.32 -3.13
CA GLN B 5 2.27 6.40 -2.65
C GLN B 5 3.10 7.35 -1.81
N GLU B 6 3.48 8.51 -2.38
CA GLU B 6 4.24 9.54 -1.68
C GLU B 6 3.33 10.55 -1.00
N SER B 7 3.79 11.05 0.16
CA SER B 7 3.13 12.15 0.83
C SER B 7 4.17 12.93 1.60
N GLY B 8 3.76 14.11 2.06
CA GLY B 8 4.61 14.93 2.91
C GLY B 8 5.18 16.16 2.27
N GLY B 9 4.83 16.44 1.02
CA GLY B 9 5.32 17.65 0.39
C GLY B 9 4.61 18.88 0.93
N GLY B 10 5.29 20.01 0.82
CA GLY B 10 4.74 21.26 1.31
C GLY B 10 5.73 22.39 1.12
N LEU B 11 5.31 23.58 1.52
CA LEU B 11 6.17 24.74 1.42
C LEU B 11 7.06 24.82 2.65
N VAL B 12 8.35 24.92 2.42
CA VAL B 12 9.32 24.99 3.51
C VAL B 12 10.09 26.30 3.38
N GLN B 13 10.53 26.76 4.44
CA GLN B 13 11.41 27.91 4.35
C GLN B 13 12.86 27.45 4.15
N PRO B 14 13.71 28.29 3.55
CA PRO B 14 15.12 27.92 3.40
C PRO B 14 15.76 27.62 4.74
N GLY B 15 16.64 26.64 4.75
CA GLY B 15 17.20 26.14 5.98
C GLY B 15 16.29 25.21 6.73
N GLY B 16 15.05 25.04 6.27
CA GLY B 16 14.10 24.20 6.97
C GLY B 16 14.28 22.73 6.67
N SER B 17 13.55 21.92 7.42
CA SER B 17 13.61 20.47 7.29
C SER B 17 12.23 19.93 6.93
N LEU B 18 12.22 18.78 6.25
CA LEU B 18 10.97 18.16 5.83
C LEU B 18 11.22 16.67 5.65
N ARG B 19 10.27 15.84 6.07
CA ARG B 19 10.37 14.40 5.85
C ARG B 19 9.28 13.92 4.91
N LEU B 20 9.69 13.21 3.87
CA LEU B 20 8.79 12.60 2.92
C LEU B 20 8.61 11.12 3.25
N SER B 21 7.43 10.61 2.95
CA SER B 21 7.08 9.22 3.19
C SER B 21 6.68 8.57 1.87
N CYS B 22 6.95 7.28 1.76
CA CYS B 22 6.59 6.51 0.57
C CYS B 22 5.93 5.21 0.99
N ALA B 23 4.62 5.10 0.79
CA ALA B 23 3.88 3.91 1.18
C ALA B 23 3.96 2.88 0.07
N ALA B 24 4.49 1.71 0.38
CA ALA B 24 4.59 0.63 -0.58
C ALA B 24 3.34 -0.24 -0.51
N SER B 25 2.77 -0.55 -1.67
CA SER B 25 1.70 -1.53 -1.74
C SER B 25 1.98 -2.47 -2.90
N GLY B 26 1.52 -3.71 -2.75
CA GLY B 26 1.82 -4.75 -3.71
C GLY B 26 3.10 -5.50 -3.45
N PHE B 27 3.87 -5.08 -2.45
CA PHE B 27 5.10 -5.79 -2.11
C PHE B 27 5.51 -5.39 -0.70
N THR B 28 6.45 -6.13 -0.15
CA THR B 28 7.08 -5.83 1.12
C THR B 28 8.51 -5.39 0.88
N LEU B 29 9.03 -4.52 1.76
CA LEU B 29 10.30 -3.87 1.46
C LEU B 29 11.45 -4.86 1.30
N ASP B 30 11.37 -6.03 1.94
CA ASP B 30 12.52 -6.93 2.01
C ASP B 30 13.05 -7.31 0.63
N TYR B 31 12.19 -7.38 -0.37
CA TYR B 31 12.60 -7.90 -1.66
C TYR B 31 13.01 -6.84 -2.67
N TYR B 32 13.03 -5.57 -2.28
CA TYR B 32 13.15 -4.46 -3.22
C TYR B 32 14.20 -3.46 -2.79
N TYR B 33 14.62 -2.65 -3.76
CA TYR B 33 15.38 -1.44 -3.50
C TYR B 33 14.46 -0.25 -3.79
N ILE B 34 14.42 0.70 -2.86
CA ILE B 34 13.55 1.86 -2.98
C ILE B 34 14.41 3.08 -3.17
N GLY B 35 14.06 3.89 -4.17
CA GLY B 35 14.80 5.08 -4.47
C GLY B 35 13.89 6.30 -4.48
N TRP B 36 14.48 7.43 -4.15
CA TRP B 36 13.82 8.72 -4.24
C TRP B 36 14.43 9.53 -5.36
N PHE B 37 13.59 10.10 -6.22
CA PHE B 37 13.99 10.92 -7.35
C PHE B 37 13.33 12.28 -7.25
N ARG B 38 13.90 13.27 -7.93
CA ARG B 38 13.28 14.58 -7.95
C ARG B 38 13.42 15.22 -9.31
N GLN B 39 12.44 16.07 -9.63
CA GLN B 39 12.48 16.87 -10.85
C GLN B 39 12.22 18.33 -10.47
N ALA B 40 13.27 19.14 -10.53
CA ALA B 40 13.14 20.57 -10.34
C ALA B 40 12.54 21.18 -11.60
N PRO B 41 11.92 22.35 -11.49
CA PRO B 41 11.26 22.95 -12.66
C PRO B 41 12.20 23.09 -13.85
N GLY B 42 11.76 22.57 -15.00
CA GLY B 42 12.49 22.65 -16.24
C GLY B 42 13.62 21.68 -16.41
N LYS B 43 14.04 20.98 -15.37
CA LYS B 43 15.24 20.15 -15.37
C LYS B 43 14.88 18.66 -15.46
N GLU B 44 15.86 17.86 -15.87
CA GLU B 44 15.67 16.42 -15.98
C GLU B 44 15.60 15.76 -14.59
N ARG B 45 14.87 14.64 -14.52
CA ARG B 45 14.70 13.95 -13.25
C ARG B 45 15.97 13.22 -12.82
N GLU B 46 16.31 13.31 -11.54
CA GLU B 46 17.59 12.82 -11.03
C GLU B 46 17.41 12.04 -9.75
N ALA B 47 18.28 11.07 -9.54
CA ALA B 47 18.31 10.30 -8.29
C ALA B 47 18.69 11.18 -7.10
N VAL B 48 18.26 10.74 -5.92
CA VAL B 48 18.48 11.52 -4.72
C VAL B 48 18.97 10.63 -3.57
N SER B 49 18.39 9.44 -3.43
CA SER B 49 18.70 8.49 -2.37
C SER B 49 18.13 7.11 -2.71
N CYS B 50 18.92 6.05 -2.58
CA CYS B 50 18.41 4.68 -2.67
C CYS B 50 18.64 3.95 -1.36
N ILE B 51 17.80 2.96 -1.07
CA ILE B 51 17.93 2.16 0.13
C ILE B 51 17.59 0.71 -0.20
N SER B 52 18.28 -0.21 0.46
CA SER B 52 17.98 -1.63 0.37
C SER B 52 16.88 -1.96 1.37
N GLY B 53 15.83 -2.61 0.90
CA GLY B 53 14.72 -2.92 1.77
C GLY B 53 15.08 -3.90 2.88
N SER B 54 15.86 -4.93 2.55
CA SER B 54 16.21 -5.90 3.58
C SER B 54 17.26 -5.32 4.53
N SER B 55 18.43 -4.96 4.00
CA SER B 55 19.57 -4.59 4.83
C SER B 55 19.56 -3.13 5.27
N GLY B 56 18.85 -2.27 4.55
CA GLY B 56 18.83 -0.87 4.89
C GLY B 56 20.03 -0.08 4.45
N SER B 57 20.96 -0.68 3.71
CA SER B 57 22.10 0.08 3.23
C SER B 57 21.63 1.14 2.24
N THR B 58 22.32 2.27 2.23
CA THR B 58 21.86 3.45 1.52
C THR B 58 22.94 3.96 0.56
N TYR B 59 22.49 4.74 -0.42
CA TYR B 59 23.34 5.30 -1.46
C TYR B 59 22.91 6.74 -1.71
N TYR B 60 23.87 7.66 -1.65
CA TYR B 60 23.60 9.10 -1.78
C TYR B 60 24.49 9.67 -2.86
N PRO B 61 23.94 10.32 -3.88
CA PRO B 61 24.79 11.03 -4.84
C PRO B 61 25.45 12.24 -4.19
N ASP B 62 26.48 12.74 -4.86
CA ASP B 62 27.33 13.79 -4.27
C ASP B 62 26.55 15.06 -3.98
N SER B 63 25.54 15.39 -4.78
CA SER B 63 24.90 16.70 -4.65
C SER B 63 24.13 16.85 -3.35
N VAL B 64 23.54 15.78 -2.84
CA VAL B 64 22.73 15.84 -1.62
C VAL B 64 23.33 15.11 -0.45
N LYS B 65 24.43 14.38 -0.66
CA LYS B 65 25.07 13.60 0.39
C LYS B 65 25.35 14.47 1.60
N GLY B 66 24.85 14.04 2.76
CA GLY B 66 25.03 14.81 3.96
C GLY B 66 23.75 15.52 4.39
N ARG B 67 23.04 16.10 3.44
CA ARG B 67 21.82 16.83 3.75
C ARG B 67 20.59 15.96 3.75
N PHE B 68 20.53 14.98 2.86
CA PHE B 68 19.37 14.10 2.74
C PHE B 68 19.73 12.73 3.33
N THR B 69 18.76 12.12 4.03
CA THR B 69 18.94 10.76 4.55
C THR B 69 17.67 9.96 4.32
N ILE B 70 17.82 8.72 3.88
CA ILE B 70 16.70 7.84 3.57
C ILE B 70 16.71 6.69 4.56
N SER B 71 15.51 6.25 4.96
CA SER B 71 15.36 5.14 5.89
C SER B 71 14.11 4.35 5.54
N ARG B 72 14.00 3.14 6.10
CA ARG B 72 12.80 2.35 5.83
C ARG B 72 12.32 1.73 7.13
N ASP B 73 11.00 1.57 7.22
CA ASP B 73 10.32 0.95 8.35
C ASP B 73 9.68 -0.31 7.82
N ASN B 74 10.28 -1.47 8.13
CA ASN B 74 9.71 -2.71 7.63
C ASN B 74 8.32 -2.92 8.18
N ALA B 75 8.09 -2.55 9.44
CA ALA B 75 6.79 -2.75 10.05
C ALA B 75 5.72 -1.93 9.33
N LYS B 76 6.04 -0.71 8.92
CA LYS B 76 5.10 0.13 8.22
C LYS B 76 5.14 -0.05 6.71
N ASN B 77 6.08 -0.84 6.19
CA ASN B 77 6.23 -1.03 4.76
C ASN B 77 6.37 0.32 4.04
N THR B 78 7.09 1.25 4.67
CA THR B 78 7.16 2.65 4.23
C THR B 78 8.62 3.10 4.23
N VAL B 79 8.97 3.91 3.24
CA VAL B 79 10.31 4.44 3.08
C VAL B 79 10.24 5.96 3.25
N TYR B 80 11.20 6.52 3.99
CA TYR B 80 11.21 7.93 4.35
C TYR B 80 12.43 8.63 3.78
N LEU B 81 12.25 9.87 3.37
CA LEU B 81 13.36 10.72 2.97
C LEU B 81 13.37 11.92 3.91
N GLN B 82 14.40 12.00 4.74
CA GLN B 82 14.58 13.17 5.58
C GLN B 82 15.41 14.19 4.83
N MET B 83 14.91 15.42 4.77
CA MET B 83 15.59 16.52 4.11
C MET B 83 15.94 17.58 5.14
N ASN B 84 17.23 17.88 5.25
CA ASN B 84 17.75 18.87 6.18
C ASN B 84 18.38 20.02 5.40
N SER B 85 18.41 21.20 6.03
CA SER B 85 19.06 22.40 5.51
C SER B 85 18.65 22.67 4.07
N LEU B 86 17.34 22.83 3.88
CA LEU B 86 16.78 22.93 2.53
C LEU B 86 17.19 24.25 1.87
N LYS B 87 17.45 24.18 0.57
CA LYS B 87 17.83 25.29 -0.28
C LYS B 87 16.78 25.50 -1.36
N PRO B 88 16.64 26.73 -1.88
CA PRO B 88 15.66 26.94 -2.96
C PRO B 88 15.86 26.00 -4.12
N GLU B 89 17.09 25.60 -4.43
CA GLU B 89 17.36 24.63 -5.47
C GLU B 89 16.77 23.26 -5.16
N ASP B 90 16.33 23.03 -3.91
CA ASP B 90 15.70 21.76 -3.59
C ASP B 90 14.22 21.71 -3.94
N THR B 91 13.63 22.81 -4.42
CA THR B 91 12.24 22.79 -4.87
C THR B 91 12.08 21.87 -6.08
N ALA B 92 11.20 20.89 -5.95
CA ALA B 92 11.06 19.85 -6.97
C ALA B 92 9.86 19.00 -6.59
N VAL B 93 9.40 18.21 -7.55
CA VAL B 93 8.48 17.11 -7.27
C VAL B 93 9.33 15.88 -6.94
N TYR B 94 9.04 15.26 -5.82
CA TYR B 94 9.81 14.12 -5.34
C TYR B 94 9.05 12.83 -5.61
N TYR B 95 9.68 11.91 -6.32
CA TYR B 95 9.08 10.64 -6.73
C TYR B 95 9.72 9.48 -5.99
N CYS B 96 8.90 8.52 -5.61
CA CYS B 96 9.37 7.26 -5.08
C CYS B 96 9.36 6.22 -6.19
N ALA B 97 10.39 5.39 -6.23
CA ALA B 97 10.49 4.33 -7.23
C ALA B 97 11.08 3.09 -6.58
N THR B 98 10.89 1.94 -7.24
CA THR B 98 11.45 0.70 -6.70
C THR B 98 11.77 -0.29 -7.81
N ILE B 99 12.63 -1.24 -7.47
CA ILE B 99 12.95 -2.34 -8.38
C ILE B 99 13.20 -3.59 -7.54
N ARG B 100 12.82 -4.74 -8.09
CA ARG B 100 13.19 -6.01 -7.49
C ARG B 100 14.69 -6.02 -7.25
N SER B 101 15.10 -6.49 -6.07
CA SER B 101 16.53 -6.59 -5.82
C SER B 101 17.18 -7.59 -6.79
N SER B 102 16.40 -8.53 -7.31
CA SER B 102 16.91 -9.44 -8.34
C SER B 102 17.37 -8.69 -9.57
N SER B 103 16.73 -7.56 -9.87
CA SER B 103 17.01 -6.77 -11.05
C SER B 103 17.78 -5.49 -10.73
N TRP B 104 18.15 -5.28 -9.46
CA TRP B 104 18.84 -4.07 -9.05
C TRP B 104 20.08 -3.84 -9.88
N GLY B 105 20.21 -2.64 -10.39
CA GLY B 105 21.32 -2.33 -11.28
C GLY B 105 21.83 -0.92 -11.02
N GLY B 106 21.69 -0.48 -9.79
CA GLY B 106 22.15 0.84 -9.41
C GLY B 106 21.00 1.81 -9.24
N CYS B 107 21.35 2.93 -8.61
CA CYS B 107 20.40 3.99 -8.27
C CYS B 107 20.26 4.94 -9.46
N VAL B 108 19.57 4.45 -10.49
CA VAL B 108 19.41 5.16 -11.74
C VAL B 108 17.96 5.10 -12.16
N HIS B 109 17.50 6.17 -12.81
CA HIS B 109 16.09 6.24 -13.16
C HIS B 109 15.72 5.15 -14.16
N TYR B 110 16.64 4.76 -15.04
CA TYR B 110 16.37 3.66 -15.95
C TYR B 110 16.50 2.30 -15.28
N GLY B 111 16.93 2.28 -14.02
CA GLY B 111 17.06 1.03 -13.30
C GLY B 111 15.98 0.84 -12.26
N MET B 112 14.83 1.49 -12.50
CA MET B 112 13.65 1.39 -11.65
C MET B 112 12.50 0.84 -12.47
N ASP B 113 11.63 0.07 -11.82
CA ASP B 113 10.52 -0.59 -12.50
C ASP B 113 9.16 0.02 -12.20
N TYR B 114 8.95 0.55 -11.01
CA TYR B 114 7.67 1.13 -10.64
C TYR B 114 7.88 2.52 -10.06
N TRP B 115 6.94 3.42 -10.34
CA TRP B 115 7.06 4.82 -10.00
C TRP B 115 5.82 5.32 -9.28
N GLY B 116 6.04 6.09 -8.24
CA GLY B 116 4.96 6.85 -7.63
C GLY B 116 4.60 8.07 -8.45
N LYS B 117 3.50 8.71 -8.04
CA LYS B 117 3.01 9.87 -8.76
C LYS B 117 3.63 11.19 -8.29
N GLY B 118 4.36 11.20 -7.19
CA GLY B 118 5.14 12.35 -6.78
C GLY B 118 4.44 13.19 -5.73
N THR B 119 5.24 14.06 -5.12
CA THR B 119 4.76 15.05 -4.16
C THR B 119 5.64 16.28 -4.28
N GLN B 120 5.01 17.45 -4.31
CA GLN B 120 5.73 18.68 -4.61
C GLN B 120 6.31 19.26 -3.33
N VAL B 121 7.58 19.63 -3.37
CA VAL B 121 8.21 20.36 -2.27
C VAL B 121 8.67 21.70 -2.82
N THR B 122 8.32 22.77 -2.11
CA THR B 122 8.67 24.13 -2.50
C THR B 122 9.39 24.79 -1.35
N VAL B 123 10.61 25.24 -1.58
CA VAL B 123 11.42 25.91 -0.56
C VAL B 123 11.36 27.40 -0.82
N SER B 124 10.66 28.13 0.04
CA SER B 124 10.35 29.54 -0.13
C SER B 124 9.58 30.01 1.10
N SER B 125 9.62 31.31 1.35
CA SER B 125 8.92 31.90 2.49
C SER B 125 7.45 31.50 2.57
#